data_6P3U
#
_entry.id   6P3U
#
_cell.length_a   175.441
_cell.length_b   175.441
_cell.length_c   122.946
_cell.angle_alpha   90.00
_cell.angle_beta   90.00
_cell.angle_gamma   120.00
#
_symmetry.space_group_name_H-M   'H 3 2'
#
loop_
_entity.id
_entity.type
_entity.pdbx_description
1 polymer 'N-acetyltransferase Eis'
2 non-polymer 1-(4-fluorophenyl)-2-[2-(4-fluorophenyl)-2-oxoethyl]pyrrolo[1,2-a]pyrazin-2-ium
3 non-polymer GLYCEROL
4 non-polymer DI(HYDROXYETHYL)ETHER
5 non-polymer 'SULFATE ION'
6 water water
#
_entity_poly.entity_id   1
_entity_poly.type   'polypeptide(L)'
_entity_poly.pdbx_seq_one_letter_code
;MGSSHHHHHHSSGLVPRGSHMTVTLCSPTEDDWPGMFLLAAASFTDFIGPESATAWRTLVPTDGAVVVRDGAGPGSEVVG
MALYMDLRLTVPGEVVLPTAGLSFVAVAPTHRRRGLLRAMCAELHRRIADSGYPVAALHASEGGIYGRFGYGPATTLHEL
TVDRRFARFHADAPGGGLGGSSVRLVRPTEHRGEFEAIYERWRQQVPGGLLRPQVLWDELLAEAKAAPGGDRESFALLHP
DGYALYRVDRTDLKLARVSELRAVTADAHCALWRALIGLDSMERISIITHPQDPLPHLLTDTRLARTTWRQDGLWLRIMN
VPAALEARGYAHEVGEFSTVLEVSDGGRFALKIGDGRARCTPTDAAAEIEMDRDVLGSLYLGAHRASTLAAANRLRTKDS
QLLRRLDAAFASDVPVQTAFEF
;
_entity_poly.pdbx_strand_id   A
#
# COMPACT_ATOMS: atom_id res chain seq x y z
N VAL A 23 15.95 -22.63 -21.25
CA VAL A 23 15.35 -21.84 -20.13
C VAL A 23 14.24 -22.68 -19.49
N THR A 24 14.44 -23.12 -18.24
CA THR A 24 13.47 -23.91 -17.43
C THR A 24 12.99 -23.02 -16.26
N LEU A 25 11.80 -23.29 -15.74
CA LEU A 25 11.17 -22.54 -14.61
C LEU A 25 11.05 -23.48 -13.41
N CYS A 26 11.59 -23.12 -12.24
CA CYS A 26 11.54 -23.98 -11.02
C CYS A 26 11.79 -23.17 -9.75
N SER A 27 11.50 -23.77 -8.60
CA SER A 27 11.73 -23.22 -7.24
C SER A 27 13.23 -23.15 -6.97
N PRO A 28 13.78 -22.02 -6.51
CA PRO A 28 15.22 -21.93 -6.24
C PRO A 28 15.67 -22.88 -5.12
N THR A 29 16.89 -23.40 -5.23
CA THR A 29 17.62 -24.12 -4.15
C THR A 29 18.54 -23.11 -3.48
N GLU A 30 19.19 -23.49 -2.38
CA GLU A 30 20.11 -22.61 -1.62
C GLU A 30 21.19 -22.06 -2.56
N ASP A 31 21.67 -22.90 -3.50
CA ASP A 31 22.72 -22.61 -4.51
C ASP A 31 22.35 -21.39 -5.37
N ASP A 32 21.05 -21.14 -5.58
CA ASP A 32 20.52 -20.13 -6.55
C ASP A 32 20.51 -18.71 -5.95
N TRP A 33 20.51 -18.56 -4.62
CA TRP A 33 20.27 -17.24 -3.99
C TRP A 33 21.40 -16.26 -4.29
N PRO A 34 22.71 -16.64 -4.29
CA PRO A 34 23.76 -15.70 -4.69
C PRO A 34 23.56 -15.13 -6.10
N GLY A 35 23.09 -15.95 -7.04
CA GLY A 35 22.78 -15.53 -8.43
C GLY A 35 21.55 -14.63 -8.50
N MET A 36 20.61 -14.80 -7.56
CA MET A 36 19.37 -13.99 -7.45
C MET A 36 19.75 -12.61 -6.90
N PHE A 37 20.62 -12.56 -5.88
CA PHE A 37 21.17 -11.31 -5.30
C PHE A 37 21.94 -10.54 -6.38
N LEU A 38 22.66 -11.23 -7.28
CA LEU A 38 23.39 -10.56 -8.40
C LEU A 38 22.36 -9.87 -9.30
N LEU A 39 21.38 -10.63 -9.81
CA LEU A 39 20.30 -10.05 -10.65
C LEU A 39 19.61 -8.89 -9.90
N ALA A 40 19.41 -9.01 -8.58
CA ALA A 40 18.74 -7.99 -7.73
C ALA A 40 19.56 -6.69 -7.74
N ALA A 41 20.85 -6.80 -7.45
CA ALA A 41 21.80 -5.67 -7.45
C ALA A 41 21.75 -4.94 -8.81
N ALA A 42 21.63 -5.67 -9.92
CA ALA A 42 21.69 -5.11 -11.29
C ALA A 42 20.33 -4.56 -11.71
N SER A 43 19.24 -4.97 -11.05
CA SER A 43 17.85 -4.74 -11.52
C SER A 43 17.20 -3.63 -10.70
N PHE A 44 17.54 -3.56 -9.42
CA PHE A 44 16.90 -2.68 -8.40
C PHE A 44 17.94 -1.73 -7.83
N THR A 45 17.63 -0.44 -7.90
CA THR A 45 18.58 0.63 -7.53
C THR A 45 18.56 0.83 -6.01
N ASP A 46 17.49 0.38 -5.33
CA ASP A 46 17.27 0.52 -3.86
C ASP A 46 17.75 -0.72 -3.09
N PHE A 47 18.37 -1.69 -3.77
CA PHE A 47 18.87 -2.94 -3.16
C PHE A 47 19.99 -2.62 -2.16
N ILE A 48 19.94 -3.18 -0.95
CA ILE A 48 20.95 -2.91 0.13
C ILE A 48 22.05 -3.96 0.03
N GLY A 49 21.69 -5.25 0.03
CA GLY A 49 22.67 -6.35 -0.10
C GLY A 49 22.17 -7.65 0.51
N PRO A 50 23.02 -8.71 0.53
CA PRO A 50 22.58 -10.04 0.92
C PRO A 50 21.99 -10.12 2.34
N GLU A 51 22.61 -9.46 3.33
CA GLU A 51 22.20 -9.56 4.76
C GLU A 51 20.76 -9.02 4.93
N SER A 52 20.43 -7.91 4.26
CA SER A 52 19.09 -7.27 4.29
C SER A 52 18.06 -8.14 3.53
N ALA A 53 18.48 -8.67 2.37
CA ALA A 53 17.67 -9.55 1.50
C ALA A 53 17.36 -10.87 2.23
N THR A 54 18.30 -11.35 3.03
CA THR A 54 18.18 -12.62 3.80
C THR A 54 17.14 -12.44 4.91
N ALA A 55 16.94 -11.23 5.41
CA ALA A 55 15.91 -10.90 6.42
C ALA A 55 14.52 -10.92 5.77
N TRP A 56 14.34 -10.21 4.65
CA TRP A 56 13.10 -10.19 3.82
C TRP A 56 12.71 -11.62 3.44
N ARG A 57 13.70 -12.44 3.08
CA ARG A 57 13.57 -13.87 2.73
C ARG A 57 12.71 -14.60 3.77
N THR A 58 12.81 -14.26 5.06
CA THR A 58 12.09 -14.97 6.15
C THR A 58 10.57 -14.84 5.95
N LEU A 59 10.08 -13.86 5.16
CA LEU A 59 8.63 -13.63 4.89
C LEU A 59 8.16 -14.39 3.63
N VAL A 60 9.07 -15.08 2.95
CA VAL A 60 8.72 -15.89 1.74
C VAL A 60 8.46 -17.32 2.20
N PRO A 61 7.26 -17.88 1.96
CA PRO A 61 7.00 -19.27 2.31
C PRO A 61 7.73 -20.23 1.37
N THR A 62 7.99 -21.45 1.84
CA THR A 62 8.38 -22.64 1.05
C THR A 62 7.58 -22.62 -0.26
N ASP A 63 8.25 -22.66 -1.41
CA ASP A 63 7.59 -22.70 -2.75
C ASP A 63 6.91 -21.36 -3.07
N GLY A 64 7.37 -20.25 -2.45
CA GLY A 64 6.91 -18.89 -2.76
C GLY A 64 7.79 -18.16 -3.78
N ALA A 65 8.81 -18.82 -4.33
CA ALA A 65 9.80 -18.21 -5.24
C ALA A 65 9.94 -19.06 -6.49
N VAL A 66 10.03 -18.42 -7.66
CA VAL A 66 10.43 -19.06 -8.94
C VAL A 66 11.67 -18.34 -9.50
N VAL A 67 12.58 -19.11 -10.11
CA VAL A 67 13.74 -18.63 -10.88
C VAL A 67 13.67 -19.24 -12.28
N VAL A 68 14.27 -18.57 -13.26
CA VAL A 68 14.52 -19.12 -14.62
C VAL A 68 16.04 -19.14 -14.81
N ARG A 69 16.62 -20.33 -15.03
CA ARG A 69 18.06 -20.54 -15.32
C ARG A 69 18.22 -20.69 -16.84
N ASP A 70 19.38 -20.30 -17.38
CA ASP A 70 19.75 -20.46 -18.81
C ASP A 70 20.51 -21.77 -18.97
N GLY A 71 19.87 -22.80 -19.55
CA GLY A 71 20.41 -24.17 -19.65
C GLY A 71 20.07 -25.00 -18.41
N SER A 76 24.36 -23.19 -14.51
CA SER A 76 24.31 -21.91 -15.25
C SER A 76 23.46 -20.89 -14.48
N GLU A 77 23.50 -19.60 -14.89
CA GLU A 77 23.12 -18.43 -14.05
C GLU A 77 21.62 -18.08 -14.18
N VAL A 78 21.14 -17.29 -13.20
CA VAL A 78 19.72 -16.90 -13.00
C VAL A 78 19.43 -15.66 -13.86
N VAL A 79 18.45 -15.76 -14.74
CA VAL A 79 18.08 -14.71 -15.74
C VAL A 79 16.64 -14.24 -15.49
N GLY A 80 16.00 -14.77 -14.45
CA GLY A 80 14.60 -14.46 -14.12
C GLY A 80 14.28 -14.91 -12.71
N MET A 81 13.55 -14.10 -11.95
CA MET A 81 13.08 -14.50 -10.61
C MET A 81 11.80 -13.74 -10.26
N ALA A 82 11.02 -14.31 -9.36
CA ALA A 82 9.79 -13.70 -8.80
C ALA A 82 9.43 -14.47 -7.54
N LEU A 83 8.83 -13.80 -6.58
CA LEU A 83 8.38 -14.46 -5.33
C LEU A 83 7.20 -13.69 -4.75
N TYR A 84 6.53 -14.30 -3.79
CA TYR A 84 5.49 -13.61 -2.99
C TYR A 84 5.86 -13.83 -1.53
N MET A 85 5.43 -12.88 -0.71
CA MET A 85 5.59 -12.93 0.76
C MET A 85 4.19 -13.12 1.36
N ASP A 86 4.13 -13.80 2.50
CA ASP A 86 2.88 -13.94 3.31
C ASP A 86 2.61 -12.61 3.99
N LEU A 87 1.55 -11.91 3.61
CA LEU A 87 1.16 -10.60 4.20
C LEU A 87 -0.26 -10.68 4.75
N ARG A 88 -0.60 -9.73 5.63
CA ARG A 88 -1.94 -9.58 6.22
C ARG A 88 -2.42 -8.16 5.91
N LEU A 89 -3.42 -8.05 5.04
CA LEU A 89 -3.94 -6.76 4.52
C LEU A 89 -5.29 -6.49 5.18
N THR A 90 -5.41 -5.33 5.82
CA THR A 90 -6.68 -4.81 6.36
C THR A 90 -7.49 -4.22 5.20
N VAL A 91 -8.77 -4.54 5.11
CA VAL A 91 -9.72 -4.06 4.06
C VAL A 91 -10.88 -3.39 4.78
N PRO A 92 -11.75 -2.63 4.08
CA PRO A 92 -12.87 -1.93 4.74
C PRO A 92 -13.73 -2.87 5.60
N GLY A 93 -14.13 -2.39 6.78
CA GLY A 93 -14.80 -3.18 7.84
C GLY A 93 -13.81 -3.73 8.86
N GLU A 94 -12.55 -3.27 8.83
CA GLU A 94 -11.46 -3.71 9.74
C GLU A 94 -11.25 -5.23 9.62
N VAL A 95 -11.49 -5.81 8.43
CA VAL A 95 -11.27 -7.26 8.16
C VAL A 95 -9.84 -7.43 7.64
N VAL A 96 -9.13 -8.45 8.11
CA VAL A 96 -7.71 -8.74 7.74
C VAL A 96 -7.65 -9.99 6.84
N LEU A 97 -7.19 -9.82 5.59
CA LEU A 97 -7.08 -10.90 4.58
C LEU A 97 -5.65 -11.40 4.47
N PRO A 98 -5.42 -12.73 4.45
CA PRO A 98 -4.13 -13.27 4.03
C PRO A 98 -3.94 -12.84 2.58
N THR A 99 -2.78 -12.27 2.28
CA THR A 99 -2.49 -11.58 1.00
C THR A 99 -1.13 -12.01 0.51
N ALA A 100 -1.06 -12.48 -0.74
CA ALA A 100 0.20 -12.79 -1.44
C ALA A 100 0.82 -11.48 -1.95
N GLY A 101 1.89 -11.04 -1.31
CA GLY A 101 2.65 -9.82 -1.69
C GLY A 101 3.75 -10.12 -2.69
N LEU A 102 3.47 -9.90 -3.97
CA LEU A 102 4.37 -10.17 -5.12
C LEU A 102 5.51 -9.15 -5.05
N SER A 103 6.74 -9.58 -5.23
CA SER A 103 7.95 -8.75 -5.02
C SER A 103 9.18 -9.42 -5.65
N PHE A 104 10.28 -8.65 -5.75
CA PHE A 104 11.63 -9.14 -6.13
C PHE A 104 11.58 -9.74 -7.54
N VAL A 105 10.75 -9.16 -8.40
CA VAL A 105 10.49 -9.63 -9.80
C VAL A 105 11.54 -8.97 -10.69
N ALA A 106 12.25 -9.78 -11.49
CA ALA A 106 13.38 -9.29 -12.29
C ALA A 106 13.64 -10.28 -13.42
N VAL A 107 13.73 -9.75 -14.63
CA VAL A 107 14.26 -10.44 -15.84
C VAL A 107 15.61 -9.80 -16.18
N ALA A 108 16.62 -10.61 -16.47
CA ALA A 108 17.98 -10.13 -16.84
C ALA A 108 17.88 -9.27 -18.10
N PRO A 109 18.74 -8.24 -18.24
CA PRO A 109 18.69 -7.35 -19.40
C PRO A 109 19.03 -8.11 -20.69
N THR A 110 19.65 -9.28 -20.56
CA THR A 110 20.07 -10.18 -21.66
C THR A 110 18.92 -11.06 -22.15
N HIS A 111 17.74 -11.02 -21.51
CA HIS A 111 16.62 -11.99 -21.74
C HIS A 111 15.26 -11.30 -21.80
N ARG A 112 15.21 -10.04 -22.20
CA ARG A 112 13.94 -9.29 -22.44
C ARG A 112 13.18 -9.95 -23.60
N ARG A 113 11.89 -9.62 -23.71
CA ARG A 113 10.97 -9.99 -24.83
C ARG A 113 11.06 -11.50 -25.11
N ARG A 114 11.22 -12.31 -24.07
CA ARG A 114 11.30 -13.78 -24.17
C ARG A 114 10.11 -14.40 -23.43
N GLY A 115 9.15 -13.57 -22.99
CA GLY A 115 7.93 -14.00 -22.27
C GLY A 115 8.25 -14.59 -20.90
N LEU A 116 9.33 -14.18 -20.25
CA LEU A 116 9.78 -14.75 -18.95
C LEU A 116 8.92 -14.20 -17.81
N LEU A 117 8.50 -12.93 -17.90
CA LEU A 117 7.59 -12.34 -16.90
C LEU A 117 6.24 -13.08 -16.96
N ARG A 118 5.62 -13.16 -18.15
CA ARG A 118 4.31 -13.84 -18.36
C ARG A 118 4.37 -15.24 -17.74
N ALA A 119 5.46 -15.99 -17.94
CA ALA A 119 5.66 -17.38 -17.48
C ALA A 119 5.78 -17.43 -15.94
N MET A 120 6.61 -16.55 -15.36
CA MET A 120 6.85 -16.52 -13.90
C MET A 120 5.57 -16.07 -13.16
N CYS A 121 4.85 -15.08 -13.68
CA CYS A 121 3.60 -14.57 -13.07
C CYS A 121 2.52 -15.66 -13.10
N ALA A 122 2.42 -16.38 -14.21
CA ALA A 122 1.47 -17.51 -14.41
C ALA A 122 1.71 -18.58 -13.34
N GLU A 123 2.98 -18.92 -13.09
CA GLU A 123 3.32 -20.02 -12.16
C GLU A 123 3.01 -19.55 -10.74
N LEU A 124 3.31 -18.29 -10.41
CA LEU A 124 3.11 -17.78 -9.02
C LEU A 124 1.61 -17.66 -8.74
N HIS A 125 0.82 -17.18 -9.70
CA HIS A 125 -0.65 -17.04 -9.57
C HIS A 125 -1.31 -18.41 -9.35
N ARG A 126 -0.80 -19.45 -10.01
CA ARG A 126 -1.21 -20.87 -9.85
C ARG A 126 -0.98 -21.28 -8.39
N ARG A 127 0.24 -21.10 -7.88
CA ARG A 127 0.64 -21.46 -6.49
C ARG A 127 -0.15 -20.64 -5.47
N ILE A 128 -0.35 -19.35 -5.75
CA ILE A 128 -1.05 -18.41 -4.84
C ILE A 128 -2.51 -18.85 -4.74
N ALA A 129 -3.15 -19.11 -5.87
CA ALA A 129 -4.56 -19.57 -5.97
C ALA A 129 -4.74 -20.91 -5.24
N ASP A 130 -3.84 -21.88 -5.49
CA ASP A 130 -3.89 -23.27 -4.93
C ASP A 130 -3.59 -23.27 -3.43
N SER A 131 -2.90 -22.24 -2.93
CA SER A 131 -2.54 -22.09 -1.49
C SER A 131 -3.74 -21.50 -0.71
N GLY A 132 -4.67 -20.84 -1.42
CA GLY A 132 -5.91 -20.32 -0.82
C GLY A 132 -5.84 -18.86 -0.40
N TYR A 133 -4.95 -18.06 -0.98
CA TYR A 133 -4.95 -16.57 -0.83
C TYR A 133 -6.13 -16.02 -1.61
N PRO A 134 -7.00 -15.19 -1.00
CA PRO A 134 -8.08 -14.53 -1.74
C PRO A 134 -7.59 -13.37 -2.63
N VAL A 135 -6.46 -12.75 -2.28
CA VAL A 135 -5.90 -11.58 -3.03
C VAL A 135 -4.38 -11.66 -3.09
N ALA A 136 -3.83 -11.11 -4.16
CA ALA A 136 -2.38 -10.81 -4.33
C ALA A 136 -2.25 -9.29 -4.39
N ALA A 137 -1.09 -8.77 -3.97
CA ALA A 137 -0.75 -7.33 -4.01
C ALA A 137 0.70 -7.11 -4.42
N LEU A 138 0.98 -5.93 -4.98
CA LEU A 138 2.36 -5.47 -5.30
C LEU A 138 2.40 -3.93 -5.32
N HIS A 139 3.62 -3.41 -5.26
CA HIS A 139 4.03 -2.04 -5.66
C HIS A 139 4.68 -2.13 -7.05
N ALA A 140 4.27 -1.28 -7.98
CA ALA A 140 4.69 -1.31 -9.42
C ALA A 140 5.88 -0.37 -9.64
N SER A 141 6.92 -0.85 -10.33
CA SER A 141 8.09 -0.02 -10.74
C SER A 141 7.69 0.89 -11.90
N GLU A 142 6.97 0.36 -12.88
CA GLU A 142 6.31 1.13 -13.99
C GLU A 142 4.79 0.92 -13.88
N GLY A 143 3.99 1.85 -14.40
CA GLY A 143 2.52 1.81 -14.26
C GLY A 143 1.82 1.03 -15.37
N GLY A 144 2.56 0.42 -16.29
CA GLY A 144 2.01 -0.14 -17.54
C GLY A 144 2.21 -1.64 -17.69
N ILE A 145 2.82 -2.29 -16.70
CA ILE A 145 3.18 -3.73 -16.77
C ILE A 145 2.03 -4.61 -16.24
N TYR A 146 1.34 -4.25 -15.16
CA TYR A 146 0.63 -5.20 -14.26
C TYR A 146 -0.89 -5.24 -14.49
N GLY A 147 -1.48 -4.24 -15.15
CA GLY A 147 -2.90 -4.26 -15.55
C GLY A 147 -3.25 -5.55 -16.29
N ARG A 148 -2.36 -6.03 -17.17
CA ARG A 148 -2.64 -7.17 -18.08
C ARG A 148 -2.59 -8.50 -17.32
N PHE A 149 -2.04 -8.53 -16.11
CA PHE A 149 -2.01 -9.72 -15.22
C PHE A 149 -3.09 -9.61 -14.14
N GLY A 150 -4.01 -8.66 -14.28
CA GLY A 150 -5.20 -8.52 -13.42
C GLY A 150 -4.98 -7.66 -12.19
N TYR A 151 -3.86 -6.93 -12.08
CA TYR A 151 -3.60 -5.98 -10.97
C TYR A 151 -4.17 -4.61 -11.32
N GLY A 152 -4.94 -4.05 -10.38
CA GLY A 152 -5.48 -2.68 -10.45
C GLY A 152 -4.89 -1.84 -9.34
N PRO A 153 -4.52 -0.56 -9.63
CA PRO A 153 -4.07 0.36 -8.58
C PRO A 153 -5.20 0.61 -7.57
N ALA A 154 -4.95 0.37 -6.29
CA ALA A 154 -6.00 0.28 -5.24
C ALA A 154 -5.81 1.34 -4.15
N THR A 155 -4.63 2.00 -4.07
CA THR A 155 -4.37 3.13 -3.14
C THR A 155 -3.59 4.24 -3.85
N THR A 156 -3.72 5.48 -3.38
CA THR A 156 -3.10 6.68 -3.98
C THR A 156 -2.18 7.31 -2.95
N LEU A 157 -0.95 7.64 -3.38
CA LEU A 157 0.07 8.39 -2.61
C LEU A 157 0.01 9.86 -3.04
N HIS A 158 -0.08 10.77 -2.08
CA HIS A 158 0.11 12.24 -2.23
C HIS A 158 1.36 12.65 -1.49
N GLU A 159 2.28 13.34 -2.16
CA GLU A 159 3.32 14.13 -1.46
C GLU A 159 2.72 15.50 -1.16
N LEU A 160 2.77 15.91 0.11
CA LEU A 160 2.53 17.29 0.56
C LEU A 160 3.87 17.89 0.98
N THR A 161 4.11 19.11 0.51
CA THR A 161 5.24 19.96 0.95
C THR A 161 4.63 21.18 1.64
N VAL A 162 4.89 21.33 2.94
CA VAL A 162 4.42 22.50 3.73
C VAL A 162 5.53 23.57 3.72
N ASP A 163 5.24 24.79 3.27
CA ASP A 163 6.14 25.94 3.55
C ASP A 163 5.82 26.41 4.98
N ARG A 164 6.55 25.86 5.94
CA ARG A 164 6.25 25.96 7.39
C ARG A 164 6.54 27.36 7.94
N ARG A 165 7.14 28.26 7.14
CA ARG A 165 7.47 29.62 7.63
C ARG A 165 6.19 30.47 7.68
N PHE A 166 5.20 30.17 6.86
CA PHE A 166 3.90 30.88 6.81
C PHE A 166 2.82 30.13 7.61
N ALA A 167 3.08 28.88 8.02
CA ALA A 167 2.05 27.96 8.55
C ALA A 167 1.64 28.41 9.96
N ARG A 168 0.38 28.80 10.09
CA ARG A 168 -0.31 29.08 11.37
C ARG A 168 -1.46 28.06 11.50
N PHE A 169 -1.67 27.47 12.67
CA PHE A 169 -2.82 26.57 12.93
C PHE A 169 -4.10 27.39 13.14
N HIS A 170 -5.21 26.86 12.63
CA HIS A 170 -6.58 27.39 12.77
C HIS A 170 -6.94 27.47 14.26
N ALA A 171 -7.85 28.38 14.63
CA ALA A 171 -8.39 28.51 16.00
C ALA A 171 -9.04 27.17 16.40
N ASP A 172 -9.68 26.49 15.46
CA ASP A 172 -10.44 25.23 15.67
C ASP A 172 -9.50 24.03 15.87
N ALA A 173 -8.24 24.11 15.44
CA ALA A 173 -7.26 22.99 15.45
C ALA A 173 -7.03 22.51 16.88
N PRO A 174 -7.08 21.18 17.13
CA PRO A 174 -6.80 20.62 18.47
C PRO A 174 -5.40 20.89 19.05
N GLY A 175 -5.29 20.88 20.38
CA GLY A 175 -4.02 20.96 21.12
C GLY A 175 -3.40 22.34 21.03
N GLY A 176 -4.23 23.39 21.01
CA GLY A 176 -3.82 24.80 20.98
C GLY A 176 -3.70 25.37 22.39
N GLY A 177 -4.50 24.86 23.34
CA GLY A 177 -4.58 25.27 24.74
C GLY A 177 -3.22 25.29 25.43
N LEU A 178 -3.13 25.98 26.58
CA LEU A 178 -1.86 26.25 27.34
C LEU A 178 -1.33 24.95 27.94
N GLY A 179 -0.38 25.05 28.87
CA GLY A 179 0.28 23.92 29.54
C GLY A 179 1.37 23.32 28.66
N GLY A 180 1.73 22.05 28.92
CA GLY A 180 2.85 21.34 28.26
C GLY A 180 2.41 20.60 27.01
N SER A 181 3.35 20.33 26.10
CA SER A 181 3.17 19.46 24.91
C SER A 181 3.20 18.00 25.36
N SER A 182 2.40 17.14 24.71
CA SER A 182 2.36 15.67 24.96
C SER A 182 3.31 14.95 23.99
N VAL A 183 3.87 15.65 23.00
CA VAL A 183 4.86 15.11 22.04
C VAL A 183 6.28 15.26 22.63
N ARG A 184 7.10 14.22 22.51
CA ARG A 184 8.54 14.20 22.90
C ARG A 184 9.39 13.99 21.63
N LEU A 185 10.54 14.67 21.55
CA LEU A 185 11.60 14.39 20.55
C LEU A 185 12.50 13.28 21.11
N VAL A 186 12.66 12.16 20.39
CA VAL A 186 13.39 10.96 20.91
C VAL A 186 14.25 10.31 19.84
N ARG A 187 15.21 9.49 20.29
CA ARG A 187 15.97 8.57 19.39
C ARG A 187 15.01 7.47 18.97
N PRO A 188 14.83 7.20 17.66
CA PRO A 188 13.97 6.12 17.22
C PRO A 188 14.27 4.77 17.89
N THR A 189 15.56 4.48 18.04
CA THR A 189 16.10 3.17 18.44
C THR A 189 15.75 2.86 19.91
N GLU A 190 15.36 3.86 20.71
CA GLU A 190 15.12 3.73 22.18
C GLU A 190 13.62 3.59 22.49
N HIS A 191 12.76 3.59 21.48
CA HIS A 191 11.28 3.54 21.65
C HIS A 191 10.66 2.63 20.59
N ARG A 192 11.34 1.55 20.24
CA ARG A 192 10.86 0.52 19.29
C ARG A 192 9.48 0.03 19.72
N GLY A 193 9.34 -0.41 20.98
CA GLY A 193 8.11 -0.97 21.55
C GLY A 193 6.91 -0.04 21.40
N GLU A 194 7.11 1.25 21.62
CA GLU A 194 6.03 2.27 21.53
C GLU A 194 5.61 2.45 20.07
N PHE A 195 6.56 2.49 19.13
CA PHE A 195 6.27 2.62 17.68
C PHE A 195 5.50 1.39 17.22
N GLU A 196 5.95 0.20 17.65
CA GLU A 196 5.32 -1.11 17.33
C GLU A 196 3.86 -1.13 17.77
N ALA A 197 3.60 -0.79 19.04
CA ALA A 197 2.23 -0.77 19.61
C ALA A 197 1.35 0.19 18.79
N ILE A 198 1.84 1.40 18.49
CA ILE A 198 1.03 2.44 17.80
C ILE A 198 0.73 1.94 16.38
N TYR A 199 1.74 1.41 15.69
CA TYR A 199 1.62 0.91 14.29
C TYR A 199 0.59 -0.23 14.28
N GLU A 200 0.65 -1.12 15.26
CA GLU A 200 -0.25 -2.30 15.36
C GLU A 200 -1.70 -1.80 15.44
N ARG A 201 -2.01 -0.88 16.34
CA ARG A 201 -3.36 -0.23 16.43
C ARG A 201 -3.73 0.38 15.08
N TRP A 202 -2.82 1.13 14.47
CA TRP A 202 -3.08 1.85 13.20
C TRP A 202 -3.52 0.86 12.13
N ARG A 203 -2.77 -0.23 11.94
CA ARG A 203 -2.90 -1.11 10.74
C ARG A 203 -4.16 -1.98 10.86
N GLN A 204 -4.65 -2.24 12.07
CA GLN A 204 -5.91 -2.99 12.29
C GLN A 204 -7.15 -2.15 11.95
N GLN A 205 -7.03 -0.82 11.96
CA GLN A 205 -8.17 0.12 11.80
C GLN A 205 -8.26 0.71 10.38
N VAL A 206 -7.22 0.59 9.57
CA VAL A 206 -7.10 1.39 8.32
C VAL A 206 -7.04 0.46 7.12
N PRO A 207 -7.93 0.63 6.12
CA PRO A 207 -7.79 -0.08 4.84
C PRO A 207 -6.47 0.26 4.15
N GLY A 208 -5.76 -0.76 3.69
CA GLY A 208 -4.38 -0.66 3.18
C GLY A 208 -3.35 -1.08 4.21
N GLY A 209 -3.78 -1.29 5.47
CA GLY A 209 -2.89 -1.61 6.61
C GLY A 209 -2.23 -2.97 6.42
N LEU A 210 -0.93 -3.06 6.66
CA LEU A 210 -0.19 -4.34 6.67
C LEU A 210 0.40 -4.57 8.07
N LEU A 211 0.30 -5.81 8.54
CA LEU A 211 1.11 -6.31 9.69
C LEU A 211 2.58 -6.12 9.31
N ARG A 212 3.37 -5.52 10.19
CA ARG A 212 4.84 -5.38 10.00
C ARG A 212 5.53 -6.34 10.96
N PRO A 213 6.14 -7.46 10.48
CA PRO A 213 6.82 -8.41 11.37
C PRO A 213 8.16 -7.88 11.93
N GLN A 214 8.72 -8.58 12.91
CA GLN A 214 9.95 -8.16 13.64
C GLN A 214 11.03 -7.76 12.62
N VAL A 215 11.31 -8.57 11.61
CA VAL A 215 12.46 -8.35 10.69
C VAL A 215 12.31 -7.01 9.95
N LEU A 216 11.09 -6.50 9.75
CA LEU A 216 10.90 -5.23 9.00
C LEU A 216 11.06 -4.02 9.93
N TRP A 217 10.78 -4.17 11.22
CA TRP A 217 11.17 -3.19 12.28
C TRP A 217 12.71 -3.19 12.46
N ASP A 218 13.37 -4.35 12.44
CA ASP A 218 14.86 -4.43 12.46
C ASP A 218 15.38 -3.59 11.30
N GLU A 219 14.82 -3.80 10.10
CA GLU A 219 15.18 -3.07 8.86
C GLU A 219 14.94 -1.57 9.03
N LEU A 220 13.77 -1.20 9.55
CA LEU A 220 13.33 0.23 9.60
C LEU A 220 14.28 1.02 10.52
N LEU A 221 14.67 0.46 11.65
CA LEU A 221 15.52 1.17 12.66
C LEU A 221 16.99 1.20 12.21
N ALA A 222 17.45 0.23 11.43
CA ALA A 222 18.81 0.22 10.84
C ALA A 222 18.97 1.42 9.88
N GLU A 223 17.88 1.83 9.21
CA GLU A 223 17.89 2.92 8.20
C GLU A 223 17.60 4.27 8.87
N ALA A 224 17.36 4.30 10.18
CA ALA A 224 17.17 5.53 10.98
C ALA A 224 18.53 6.09 11.40
N LYS A 225 19.60 5.30 11.25
CA LYS A 225 20.97 5.69 11.63
C LYS A 225 21.65 6.37 10.42
N ALA A 226 22.56 7.31 10.68
CA ALA A 226 23.29 8.11 9.67
C ALA A 226 24.24 7.21 8.87
N ALA A 227 24.23 7.34 7.54
CA ALA A 227 25.08 6.58 6.61
C ALA A 227 26.27 7.46 6.19
N PRO A 228 27.53 6.95 6.25
CA PRO A 228 28.68 7.75 5.83
C PRO A 228 28.54 8.14 4.35
N GLY A 229 28.32 9.43 4.09
CA GLY A 229 28.07 9.97 2.73
C GLY A 229 26.74 9.49 2.14
N GLY A 230 25.79 9.10 3.00
CA GLY A 230 24.41 8.75 2.62
C GLY A 230 23.41 9.63 3.35
N ASP A 231 22.33 9.04 3.88
CA ASP A 231 21.24 9.75 4.60
C ASP A 231 21.74 10.17 5.99
N ARG A 232 21.05 11.13 6.62
CA ARG A 232 21.41 11.74 7.92
C ARG A 232 20.71 11.01 9.07
N GLU A 233 21.07 11.30 10.32
CA GLU A 233 20.39 10.76 11.52
C GLU A 233 18.87 10.99 11.36
N SER A 234 18.06 9.99 11.70
CA SER A 234 16.58 10.11 11.82
C SER A 234 16.21 10.41 13.28
N PHE A 235 15.19 11.26 13.45
CA PHE A 235 14.60 11.61 14.76
C PHE A 235 13.13 11.21 14.74
N ALA A 236 12.58 11.00 15.93
CA ALA A 236 11.18 10.63 16.16
C ALA A 236 10.51 11.70 17.01
N LEU A 237 9.26 12.02 16.67
CA LEU A 237 8.29 12.70 17.55
C LEU A 237 7.29 11.64 18.02
N LEU A 238 7.15 11.49 19.34
CA LEU A 238 6.38 10.41 20.00
C LEU A 238 5.27 11.03 20.85
N HIS A 239 4.03 10.66 20.56
CA HIS A 239 2.79 10.97 21.30
C HIS A 239 2.20 9.65 21.77
N PRO A 240 1.43 9.61 22.89
CA PRO A 240 0.82 8.35 23.33
C PRO A 240 0.10 7.57 22.21
N ASP A 241 -0.44 8.28 21.22
CA ASP A 241 -1.34 7.75 20.16
C ASP A 241 -0.81 8.06 18.76
N GLY A 242 0.50 8.25 18.60
CA GLY A 242 1.09 8.55 17.28
C GLY A 242 2.58 8.79 17.31
N TYR A 243 3.25 8.58 16.18
CA TYR A 243 4.67 8.96 15.99
C TYR A 243 4.89 9.45 14.57
N ALA A 244 5.99 10.18 14.39
CA ALA A 244 6.53 10.65 13.11
C ALA A 244 8.04 10.39 13.12
N LEU A 245 8.56 9.63 12.15
CA LEU A 245 10.02 9.56 11.88
C LEU A 245 10.34 10.56 10.78
N TYR A 246 11.42 11.30 10.94
CA TYR A 246 11.84 12.36 9.98
C TYR A 246 13.35 12.46 9.99
N ARG A 247 13.90 13.00 8.89
CA ARG A 247 15.34 13.31 8.73
C ARG A 247 15.45 14.53 7.81
N VAL A 248 16.49 15.32 7.97
CA VAL A 248 16.84 16.39 6.98
C VAL A 248 17.35 15.71 5.71
N ASP A 249 16.97 16.23 4.54
CA ASP A 249 17.41 15.76 3.19
C ASP A 249 18.93 15.87 3.11
N ARG A 250 19.57 14.99 2.31
CA ARG A 250 21.04 14.96 2.08
C ARG A 250 21.55 16.31 1.55
N THR A 251 20.90 16.84 0.52
CA THR A 251 21.41 17.96 -0.30
C THR A 251 20.72 19.26 0.14
N ASP A 252 19.38 19.27 0.20
CA ASP A 252 18.58 20.44 0.65
C ASP A 252 18.49 20.41 2.19
N LEU A 253 19.32 21.20 2.87
CA LEU A 253 19.43 21.20 4.36
C LEU A 253 18.30 22.05 4.95
N LYS A 254 17.44 22.63 4.13
CA LYS A 254 16.26 23.43 4.56
C LYS A 254 14.99 22.58 4.44
N LEU A 255 15.09 21.31 3.99
CA LEU A 255 13.92 20.40 3.80
C LEU A 255 13.96 19.23 4.79
N ALA A 256 12.90 19.00 5.56
CA ALA A 256 12.74 17.79 6.42
C ALA A 256 11.80 16.80 5.74
N ARG A 257 12.26 15.56 5.57
CA ARG A 257 11.47 14.47 4.97
C ARG A 257 10.89 13.60 6.10
N VAL A 258 9.57 13.63 6.24
CA VAL A 258 8.82 12.71 7.13
C VAL A 258 8.72 11.36 6.43
N SER A 259 9.51 10.37 6.86
CA SER A 259 9.54 9.02 6.23
C SER A 259 8.28 8.24 6.60
N GLU A 260 7.68 8.52 7.75
CA GLU A 260 6.52 7.79 8.31
C GLU A 260 5.83 8.62 9.39
N LEU A 261 4.51 8.82 9.27
CA LEU A 261 3.67 9.40 10.34
C LEU A 261 2.43 8.53 10.54
N ARG A 262 2.28 7.94 11.72
CA ARG A 262 1.19 7.03 12.09
C ARG A 262 0.48 7.60 13.32
N ALA A 263 -0.77 8.01 13.16
CA ALA A 263 -1.61 8.58 14.25
C ALA A 263 -2.93 7.82 14.31
N VAL A 264 -3.37 7.48 15.51
CA VAL A 264 -4.63 6.74 15.78
C VAL A 264 -5.78 7.73 16.04
N THR A 265 -5.50 8.89 16.65
CA THR A 265 -6.52 9.92 16.98
C THR A 265 -6.16 11.22 16.26
N ALA A 266 -7.15 12.07 16.01
CA ALA A 266 -6.99 13.43 15.44
C ALA A 266 -6.05 14.27 16.34
N ASP A 267 -6.21 14.14 17.66
CA ASP A 267 -5.35 14.85 18.64
C ASP A 267 -3.89 14.52 18.34
N ALA A 268 -3.55 13.23 18.22
CA ALA A 268 -2.18 12.76 17.93
C ALA A 268 -1.66 13.40 16.63
N HIS A 269 -2.51 13.44 15.59
CA HIS A 269 -2.15 13.89 14.23
C HIS A 269 -1.85 15.39 14.25
N CYS A 270 -2.74 16.20 14.84
CA CYS A 270 -2.54 17.66 15.01
C CYS A 270 -1.28 17.93 15.85
N ALA A 271 -1.08 17.22 16.96
CA ALA A 271 0.03 17.45 17.89
C ALA A 271 1.35 17.21 17.17
N LEU A 272 1.43 16.14 16.37
CA LEU A 272 2.68 15.79 15.66
C LEU A 272 2.97 16.86 14.60
N TRP A 273 1.93 17.41 13.96
CA TRP A 273 2.10 18.48 12.94
C TRP A 273 2.48 19.81 13.60
N ARG A 274 2.04 20.07 14.83
CA ARG A 274 2.49 21.25 15.61
C ARG A 274 4.00 21.16 15.82
N ALA A 275 4.49 20.01 16.28
CA ALA A 275 5.93 19.75 16.51
C ALA A 275 6.71 19.85 15.18
N LEU A 276 6.20 19.32 14.07
CA LEU A 276 6.91 19.35 12.76
C LEU A 276 7.00 20.79 12.22
N ILE A 277 5.90 21.54 12.26
CA ILE A 277 5.87 22.99 11.90
C ILE A 277 6.83 23.76 12.83
N GLY A 278 7.11 23.25 14.03
CA GLY A 278 8.07 23.85 14.97
C GLY A 278 9.53 23.56 14.63
N LEU A 279 9.87 22.85 13.56
CA LEU A 279 11.29 22.70 13.11
C LEU A 279 11.72 24.00 12.42
N ASP A 280 12.05 25.02 13.22
CA ASP A 280 12.20 26.45 12.82
C ASP A 280 13.45 26.65 11.95
N SER A 281 14.38 25.68 11.90
CA SER A 281 15.57 25.69 10.99
C SER A 281 15.20 25.24 9.56
N MET A 282 14.03 24.62 9.36
CA MET A 282 13.58 24.09 8.04
C MET A 282 12.67 25.12 7.37
N GLU A 283 12.72 25.18 6.03
CA GLU A 283 11.80 25.99 5.19
C GLU A 283 10.57 25.14 4.79
N ARG A 284 10.79 23.85 4.52
CA ARG A 284 9.81 22.91 3.95
C ARG A 284 9.82 21.60 4.75
N ILE A 285 8.62 21.07 5.01
CA ILE A 285 8.37 19.68 5.50
C ILE A 285 7.67 18.93 4.36
N SER A 286 8.21 17.80 3.94
CA SER A 286 7.60 16.96 2.89
C SER A 286 7.16 15.63 3.50
N ILE A 287 6.04 15.08 3.01
CA ILE A 287 5.53 13.77 3.47
C ILE A 287 4.78 13.09 2.32
N ILE A 288 4.95 11.77 2.19
CA ILE A 288 4.09 10.92 1.34
C ILE A 288 2.93 10.45 2.21
N THR A 289 1.72 10.93 1.88
CA THR A 289 0.46 10.71 2.62
C THR A 289 -0.61 10.28 1.61
N HIS A 290 -1.89 10.43 1.95
CA HIS A 290 -3.05 9.97 1.13
C HIS A 290 -3.94 11.16 0.83
N PRO A 291 -4.78 11.07 -0.23
CA PRO A 291 -5.56 12.23 -0.67
C PRO A 291 -6.48 12.85 0.38
N GLN A 292 -6.88 12.09 1.40
CA GLN A 292 -7.86 12.56 2.42
C GLN A 292 -7.13 13.06 3.68
N ASP A 293 -5.80 13.19 3.65
CA ASP A 293 -5.02 13.69 4.81
C ASP A 293 -5.60 15.05 5.22
N PRO A 294 -6.03 15.22 6.50
CA PRO A 294 -6.67 16.46 6.93
C PRO A 294 -5.72 17.66 7.18
N LEU A 295 -4.40 17.48 7.04
CA LEU A 295 -3.39 18.51 7.35
C LEU A 295 -3.77 19.86 6.74
N PRO A 296 -4.13 19.95 5.45
CA PRO A 296 -4.45 21.25 4.85
C PRO A 296 -5.47 22.04 5.68
N HIS A 297 -6.39 21.34 6.34
CA HIS A 297 -7.54 21.92 7.08
C HIS A 297 -7.15 22.36 8.49
N LEU A 298 -5.99 21.92 9.00
CA LEU A 298 -5.44 22.37 10.30
C LEU A 298 -4.86 23.78 10.21
N LEU A 299 -4.55 24.27 9.00
CA LEU A 299 -3.87 25.58 8.78
C LEU A 299 -4.90 26.64 8.36
N THR A 300 -4.62 27.90 8.69
CA THR A 300 -5.43 29.07 8.23
C THR A 300 -5.34 29.20 6.70
N ASP A 301 -4.26 28.73 6.07
CA ASP A 301 -4.04 28.77 4.61
C ASP A 301 -3.85 27.33 4.10
N THR A 302 -4.91 26.73 3.55
CA THR A 302 -4.95 25.33 3.05
C THR A 302 -3.90 25.13 1.96
N ARG A 303 -3.56 26.19 1.23
CA ARG A 303 -2.66 26.19 0.04
C ARG A 303 -1.21 25.95 0.45
N LEU A 304 -0.85 26.27 1.70
CA LEU A 304 0.53 26.12 2.22
C LEU A 304 0.97 24.66 2.17
N ALA A 305 0.01 23.74 2.25
CA ALA A 305 0.23 22.28 2.07
C ALA A 305 -0.01 21.92 0.61
N ARG A 306 0.98 22.21 -0.26
CA ARG A 306 0.93 21.98 -1.73
C ARG A 306 1.11 20.49 -2.00
N THR A 307 0.34 19.95 -2.95
CA THR A 307 0.51 18.58 -3.50
C THR A 307 1.57 18.68 -4.60
N THR A 308 2.77 18.16 -4.33
CA THR A 308 3.97 18.21 -5.21
C THR A 308 4.07 16.95 -6.09
N TRP A 309 3.30 15.89 -5.81
CA TRP A 309 3.49 14.53 -6.40
C TRP A 309 2.31 13.62 -6.04
N ARG A 310 1.90 12.77 -6.97
CA ARG A 310 0.71 11.90 -6.79
C ARG A 310 0.88 10.65 -7.65
N GLN A 311 0.78 9.48 -7.07
CA GLN A 311 1.05 8.20 -7.77
C GLN A 311 0.24 7.06 -7.15
N ASP A 312 -0.06 6.04 -7.95
CA ASP A 312 -0.59 4.75 -7.49
C ASP A 312 0.33 4.22 -6.38
N GLY A 313 -0.26 3.68 -5.30
CA GLY A 313 0.46 2.97 -4.24
C GLY A 313 0.36 1.46 -4.43
N LEU A 314 -0.49 0.80 -3.64
CA LEU A 314 -0.67 -0.66 -3.63
C LEU A 314 -1.53 -1.05 -4.84
N TRP A 315 -1.17 -2.15 -5.52
CA TRP A 315 -1.99 -2.76 -6.61
C TRP A 315 -2.58 -4.07 -6.10
N LEU A 316 -3.83 -4.36 -6.44
CA LEU A 316 -4.51 -5.61 -6.01
C LEU A 316 -4.88 -6.46 -7.23
N ARG A 317 -4.66 -7.76 -7.12
CA ARG A 317 -5.30 -8.79 -7.97
C ARG A 317 -6.22 -9.62 -7.05
N ILE A 318 -7.53 -9.52 -7.28
CA ILE A 318 -8.56 -10.39 -6.65
C ILE A 318 -8.34 -11.81 -7.21
N MET A 319 -7.84 -12.74 -6.41
CA MET A 319 -7.54 -14.12 -6.85
C MET A 319 -8.85 -14.91 -6.92
N ASN A 320 -9.75 -14.66 -5.98
CA ASN A 320 -11.07 -15.33 -5.83
C ASN A 320 -12.12 -14.26 -5.55
N VAL A 321 -13.01 -14.02 -6.52
CA VAL A 321 -13.99 -12.90 -6.52
C VAL A 321 -15.01 -13.10 -5.41
N PRO A 322 -15.76 -14.22 -5.33
CA PRO A 322 -16.75 -14.37 -4.26
C PRO A 322 -16.12 -14.26 -2.85
N ALA A 323 -14.95 -14.85 -2.65
CA ALA A 323 -14.26 -14.86 -1.34
C ALA A 323 -13.92 -13.43 -0.92
N ALA A 324 -13.39 -12.62 -1.85
CA ALA A 324 -12.96 -11.23 -1.59
C ALA A 324 -14.17 -10.33 -1.36
N LEU A 325 -15.16 -10.36 -2.27
CA LEU A 325 -16.35 -9.48 -2.20
C LEU A 325 -17.12 -9.78 -0.92
N GLU A 326 -17.18 -11.04 -0.49
CA GLU A 326 -17.93 -11.41 0.74
C GLU A 326 -17.15 -10.95 1.98
N ALA A 327 -15.82 -10.89 1.91
CA ALA A 327 -14.96 -10.69 3.10
C ALA A 327 -14.98 -9.24 3.60
N ARG A 328 -15.07 -8.24 2.72
CA ARG A 328 -15.02 -6.82 3.15
C ARG A 328 -16.40 -6.36 3.60
N GLY A 329 -16.45 -5.30 4.41
CA GLY A 329 -17.67 -4.56 4.77
C GLY A 329 -18.07 -3.57 3.70
N TYR A 330 -19.33 -3.16 3.69
CA TYR A 330 -19.89 -2.16 2.73
C TYR A 330 -20.59 -1.06 3.53
N ALA A 331 -20.77 0.11 2.92
CA ALA A 331 -21.45 1.26 3.55
C ALA A 331 -22.84 0.79 3.99
N HIS A 332 -23.18 0.97 5.28
CA HIS A 332 -24.53 0.70 5.83
C HIS A 332 -25.55 1.69 5.25
N GLU A 333 -25.12 2.82 4.69
CA GLU A 333 -25.99 3.95 4.28
C GLU A 333 -26.89 3.52 3.11
N VAL A 334 -26.30 3.09 1.99
CA VAL A 334 -26.99 2.56 0.78
C VAL A 334 -27.95 1.43 1.20
N GLY A 335 -29.13 1.37 0.59
CA GLY A 335 -30.13 0.33 0.91
C GLY A 335 -29.79 -0.98 0.21
N GLU A 336 -30.31 -2.11 0.72
CA GLU A 336 -30.19 -3.44 0.09
C GLU A 336 -30.50 -3.35 -1.42
N PHE A 337 -29.61 -3.89 -2.26
CA PHE A 337 -29.74 -4.00 -3.74
C PHE A 337 -29.04 -5.28 -4.22
N SER A 338 -29.46 -5.78 -5.40
CA SER A 338 -28.97 -7.01 -6.06
C SER A 338 -28.57 -6.68 -7.50
N THR A 339 -27.60 -7.41 -8.04
CA THR A 339 -27.15 -7.23 -9.43
C THR A 339 -26.38 -8.47 -9.84
N VAL A 340 -25.92 -8.50 -11.09
CA VAL A 340 -25.06 -9.58 -11.65
C VAL A 340 -23.80 -8.90 -12.17
N LEU A 341 -22.67 -9.24 -11.56
CA LEU A 341 -21.32 -8.80 -11.96
C LEU A 341 -20.70 -9.90 -12.82
N GLU A 342 -20.20 -9.54 -14.00
CA GLU A 342 -19.30 -10.37 -14.82
C GLU A 342 -17.87 -9.79 -14.75
N VAL A 343 -16.93 -10.56 -14.20
CA VAL A 343 -15.46 -10.32 -14.37
C VAL A 343 -15.03 -11.04 -15.66
N SER A 344 -14.43 -10.32 -16.62
CA SER A 344 -13.85 -10.85 -17.87
C SER A 344 -12.93 -12.03 -17.56
N ASP A 345 -13.25 -13.22 -18.09
CA ASP A 345 -12.47 -14.46 -17.84
C ASP A 345 -12.24 -14.67 -16.33
N GLY A 346 -13.24 -14.37 -15.49
CA GLY A 346 -13.11 -14.49 -14.02
C GLY A 346 -14.39 -14.95 -13.33
N GLY A 347 -15.47 -15.20 -14.09
CA GLY A 347 -16.76 -15.71 -13.59
C GLY A 347 -17.89 -14.67 -13.65
N ARG A 348 -19.13 -15.13 -13.61
CA ARG A 348 -20.32 -14.26 -13.44
C ARG A 348 -21.00 -14.60 -12.11
N PHE A 349 -21.42 -13.58 -11.36
CA PHE A 349 -21.87 -13.71 -9.94
C PHE A 349 -23.12 -12.87 -9.68
N ALA A 350 -24.07 -13.47 -8.96
CA ALA A 350 -25.20 -12.77 -8.33
C ALA A 350 -24.65 -12.08 -7.08
N LEU A 351 -24.64 -10.76 -7.08
CA LEU A 351 -24.09 -9.94 -5.98
C LEU A 351 -25.27 -9.25 -5.29
N LYS A 352 -25.50 -9.61 -4.03
CA LYS A 352 -26.52 -9.01 -3.13
C LYS A 352 -25.77 -8.28 -2.01
N ILE A 353 -25.92 -6.96 -1.93
CA ILE A 353 -25.31 -6.12 -0.84
C ILE A 353 -26.45 -5.54 0.02
N GLY A 354 -26.38 -5.76 1.33
CA GLY A 354 -27.27 -5.12 2.32
C GLY A 354 -26.70 -5.26 3.72
N ASP A 355 -26.96 -4.26 4.58
CA ASP A 355 -26.55 -4.27 6.01
C ASP A 355 -25.03 -4.37 6.09
N GLY A 356 -24.34 -3.68 5.18
CA GLY A 356 -22.88 -3.63 5.09
C GLY A 356 -22.23 -4.99 4.86
N ARG A 357 -22.99 -6.02 4.45
CA ARG A 357 -22.45 -7.37 4.10
C ARG A 357 -22.81 -7.67 2.63
N ALA A 358 -22.05 -8.58 2.00
CA ALA A 358 -22.31 -9.05 0.61
C ALA A 358 -22.41 -10.57 0.59
N ARG A 359 -23.33 -11.11 -0.21
CA ARG A 359 -23.37 -12.52 -0.67
C ARG A 359 -23.12 -12.51 -2.18
N CYS A 360 -22.21 -13.39 -2.62
CA CYS A 360 -21.70 -13.49 -4.01
C CYS A 360 -21.75 -14.97 -4.44
N THR A 361 -22.64 -15.33 -5.37
CA THR A 361 -22.94 -16.74 -5.75
C THR A 361 -22.90 -16.92 -7.28
N PRO A 362 -22.47 -18.11 -7.78
CA PRO A 362 -22.46 -18.36 -9.21
C PRO A 362 -23.86 -18.14 -9.79
N THR A 363 -23.94 -17.59 -11.00
CA THR A 363 -25.20 -17.41 -11.77
C THR A 363 -24.83 -17.53 -13.25
N ASP A 364 -25.81 -17.79 -14.11
CA ASP A 364 -25.64 -17.69 -15.57
C ASP A 364 -26.64 -16.64 -16.10
N ALA A 365 -27.36 -15.96 -15.20
CA ALA A 365 -28.26 -14.83 -15.51
C ALA A 365 -27.48 -13.73 -16.27
N ALA A 366 -28.17 -12.99 -17.14
CA ALA A 366 -27.59 -11.88 -17.92
C ALA A 366 -26.85 -10.92 -16.97
N ALA A 367 -25.60 -10.57 -17.30
CA ALA A 367 -24.77 -9.60 -16.55
C ALA A 367 -25.37 -8.19 -16.67
N GLU A 368 -25.41 -7.47 -15.55
CA GLU A 368 -25.77 -6.03 -15.49
C GLU A 368 -24.49 -5.17 -15.42
N ILE A 369 -23.36 -5.72 -14.96
CA ILE A 369 -22.04 -5.01 -14.86
C ILE A 369 -20.94 -5.92 -15.40
N GLU A 370 -20.11 -5.43 -16.31
CA GLU A 370 -18.89 -6.12 -16.78
C GLU A 370 -17.68 -5.26 -16.45
N MET A 371 -16.58 -5.89 -16.04
CA MET A 371 -15.27 -5.24 -15.83
C MET A 371 -14.17 -6.30 -15.89
N ASP A 372 -12.97 -5.92 -16.31
CA ASP A 372 -11.76 -6.78 -16.22
C ASP A 372 -11.42 -6.92 -14.73
N ARG A 373 -10.63 -7.93 -14.38
CA ARG A 373 -10.28 -8.25 -12.97
C ARG A 373 -9.49 -7.08 -12.33
N ASP A 374 -8.61 -6.39 -13.07
CA ASP A 374 -7.82 -5.23 -12.57
C ASP A 374 -8.76 -4.13 -12.05
N VAL A 375 -9.84 -3.83 -12.77
CA VAL A 375 -10.82 -2.78 -12.40
C VAL A 375 -11.39 -3.10 -11.03
N LEU A 376 -11.72 -4.38 -10.80
CA LEU A 376 -12.28 -4.84 -9.51
C LEU A 376 -11.27 -4.56 -8.40
N GLY A 377 -9.98 -4.89 -8.59
CA GLY A 377 -8.91 -4.60 -7.63
C GLY A 377 -8.90 -3.14 -7.22
N SER A 378 -9.06 -2.24 -8.20
CA SER A 378 -9.08 -0.76 -8.04
C SER A 378 -10.30 -0.25 -7.24
N LEU A 379 -11.43 -0.97 -7.26
CA LEU A 379 -12.65 -0.59 -6.51
C LEU A 379 -12.56 -1.11 -5.07
N TYR A 380 -11.80 -2.19 -4.87
CA TYR A 380 -11.95 -3.10 -3.72
C TYR A 380 -11.73 -2.33 -2.41
N LEU A 381 -10.73 -1.44 -2.31
CA LEU A 381 -10.42 -0.71 -1.05
C LEU A 381 -11.09 0.68 -0.98
N GLY A 382 -11.89 1.06 -1.99
CA GLY A 382 -12.63 2.34 -2.00
C GLY A 382 -11.85 3.52 -2.58
N ALA A 383 -10.62 3.33 -3.07
CA ALA A 383 -9.78 4.44 -3.59
C ALA A 383 -10.34 5.03 -4.89
N HIS A 384 -11.03 4.23 -5.72
CA HIS A 384 -11.57 4.68 -7.04
C HIS A 384 -13.09 4.52 -7.04
N ARG A 385 -13.81 5.50 -7.58
CA ARG A 385 -15.29 5.48 -7.72
C ARG A 385 -15.61 4.68 -8.99
N ALA A 386 -16.62 3.81 -8.93
CA ALA A 386 -17.16 3.09 -10.11
C ALA A 386 -17.62 4.07 -11.19
N SER A 387 -18.23 5.20 -10.82
CA SER A 387 -18.61 6.30 -11.75
C SER A 387 -17.43 6.67 -12.66
N THR A 388 -16.25 6.83 -12.07
CA THR A 388 -15.05 7.35 -12.78
C THR A 388 -14.59 6.29 -13.79
N LEU A 389 -14.56 5.03 -13.39
CA LEU A 389 -14.11 3.92 -14.26
C LEU A 389 -15.17 3.66 -15.36
N ALA A 390 -16.45 3.83 -15.05
CA ALA A 390 -17.54 3.75 -16.06
C ALA A 390 -17.32 4.84 -17.13
N ALA A 391 -16.95 6.04 -16.72
CA ALA A 391 -16.69 7.20 -17.61
C ALA A 391 -15.59 6.84 -18.62
N ALA A 392 -14.61 6.02 -18.24
CA ALA A 392 -13.48 5.57 -19.09
C ALA A 392 -13.82 4.27 -19.81
N ASN A 393 -15.02 3.74 -19.57
CA ASN A 393 -15.53 2.48 -20.17
C ASN A 393 -14.69 1.28 -19.73
N ARG A 394 -13.99 1.38 -18.60
CA ARG A 394 -13.33 0.22 -17.92
C ARG A 394 -14.40 -0.64 -17.22
N LEU A 395 -15.62 -0.11 -17.09
CA LEU A 395 -16.73 -0.69 -16.30
C LEU A 395 -18.05 -0.43 -17.05
N ARG A 396 -18.60 -1.44 -17.72
CA ARG A 396 -19.83 -1.32 -18.54
C ARG A 396 -21.06 -1.67 -17.70
N THR A 397 -22.11 -0.86 -17.86
CA THR A 397 -23.46 -1.03 -17.26
C THR A 397 -24.44 -0.15 -18.03
N LYS A 398 -25.69 -0.59 -18.22
CA LYS A 398 -26.75 0.20 -18.92
C LYS A 398 -27.62 0.91 -17.88
N ASP A 399 -27.37 0.68 -16.58
CA ASP A 399 -28.15 1.27 -15.46
C ASP A 399 -27.23 2.18 -14.64
N SER A 400 -27.53 3.49 -14.58
CA SER A 400 -26.70 4.48 -13.87
C SER A 400 -27.13 4.57 -12.40
N GLN A 401 -28.36 4.16 -12.07
CA GLN A 401 -28.80 3.97 -10.67
C GLN A 401 -27.91 2.91 -10.00
N LEU A 402 -27.52 1.88 -10.75
CA LEU A 402 -26.63 0.77 -10.29
C LEU A 402 -25.21 1.29 -10.08
N LEU A 403 -24.72 2.16 -10.96
CA LEU A 403 -23.41 2.87 -10.81
C LEU A 403 -23.40 3.63 -9.48
N ARG A 404 -24.44 4.44 -9.23
CA ARG A 404 -24.57 5.23 -7.98
C ARG A 404 -24.52 4.29 -6.78
N ARG A 405 -25.23 3.17 -6.83
CA ARG A 405 -25.31 2.21 -5.70
C ARG A 405 -23.95 1.54 -5.43
N LEU A 406 -23.22 1.13 -6.47
CA LEU A 406 -21.85 0.56 -6.34
C LEU A 406 -20.89 1.59 -5.75
N ASP A 407 -20.83 2.78 -6.35
CA ASP A 407 -20.09 3.95 -5.78
C ASP A 407 -20.30 4.02 -4.27
N ALA A 408 -21.55 4.04 -3.82
CA ALA A 408 -21.91 4.30 -2.40
C ALA A 408 -21.53 3.07 -1.55
N ALA A 409 -21.80 1.86 -2.05
CA ALA A 409 -21.58 0.59 -1.32
C ALA A 409 -20.07 0.35 -1.09
N PHE A 410 -19.22 0.52 -2.12
CA PHE A 410 -17.77 0.17 -2.10
C PHE A 410 -16.94 1.26 -1.41
N ALA A 411 -17.42 2.51 -1.36
CA ALA A 411 -16.82 3.61 -0.58
C ALA A 411 -16.44 3.10 0.83
N SER A 412 -15.38 3.65 1.42
CA SER A 412 -14.88 3.32 2.78
C SER A 412 -15.08 4.54 3.69
N ASP A 413 -15.56 4.32 4.92
CA ASP A 413 -15.80 5.43 5.89
C ASP A 413 -14.43 5.92 6.38
N VAL A 414 -13.53 5.01 6.78
CA VAL A 414 -12.09 5.29 7.06
C VAL A 414 -11.37 5.42 5.72
N PRO A 415 -10.64 6.53 5.46
CA PRO A 415 -9.92 6.69 4.19
C PRO A 415 -8.81 5.65 3.99
N VAL A 416 -8.66 5.16 2.75
CA VAL A 416 -7.66 4.09 2.40
C VAL A 416 -6.27 4.73 2.34
N GLN A 417 -5.29 4.02 2.90
CA GLN A 417 -3.89 4.48 3.09
C GLN A 417 -2.92 3.38 2.61
N THR A 418 -1.62 3.66 2.56
CA THR A 418 -0.56 2.73 2.09
C THR A 418 0.36 2.41 3.27
N ALA A 419 0.61 1.15 3.56
CA ALA A 419 1.32 0.74 4.79
C ALA A 419 2.83 0.98 4.60
N PHE A 420 3.51 0.09 3.89
CA PHE A 420 4.95 0.21 3.56
C PHE A 420 5.14 -0.43 2.19
N GLU A 421 6.15 0.03 1.47
CA GLU A 421 6.53 -0.55 0.16
C GLU A 421 7.17 -1.91 0.41
N PHE A 422 6.96 -2.85 -0.51
CA PHE A 422 7.53 -4.23 -0.51
C PHE A 422 7.72 -4.67 -1.97
#